data_6KVC
#
_entry.id   6KVC
#
_cell.length_a   59.047
_cell.length_b   59.047
_cell.length_c   197.975
_cell.angle_alpha   90.000
_cell.angle_beta   90.000
_cell.angle_gamma   90.000
#
_symmetry.space_group_name_H-M   'P 41 21 2'
#
loop_
_entity.id
_entity.type
_entity.pdbx_description
1 polymer MoeE5
2 non-polymer NICOTINAMIDE-ADENINE-DINUCLEOTIDE
3 non-polymer "URIDINE-5'-DIPHOSPHATE-GLUCOSE"
4 water water
#
_entity_poly.entity_id   1
_entity_poly.type   'polypeptide(L)'
_entity_poly.pdbx_seq_one_letter_code
;GAGAGAMSSDTHGTDLADGDVLVTGAAGFIGSHLVTELRNSGRNVVAVDRRPLPDDLESTSPPFTGSLREIRGDLNSLNL
VDCLKNISTVFHLAALPGVRPSWTQFPEYLRCNVLATQRLMEACVQAGVERVVVASSSSVYGGADGVMSEDDLPRPLSPY
GVTKLAAERLALAFAARGDAELSVGALRFFTVYGPGQRPDMFISRLIRATLRGEPVEIYGDGTQLRDFTHVSDVVRALML
TASVRDRGSAVLNIGTGSAVSVNEVVSMTAELTGLRPCTAYGSARIGDVRSTTADVRQAQSVLGFTARTGLREGLATQIE
WTRRSLSGAEQDTVPVGGSSVSVPRL
;
_entity_poly.pdbx_strand_id   A
#
# COMPACT_ATOMS: atom_id res chain seq x y z
N GLY A 19 7.85 7.71 21.65
CA GLY A 19 7.26 6.42 21.96
C GLY A 19 7.59 5.41 20.87
N ASP A 20 7.23 4.15 21.12
CA ASP A 20 7.55 3.15 20.11
C ASP A 20 6.45 3.09 19.08
N VAL A 21 6.77 2.44 17.94
CA VAL A 21 5.88 2.40 16.80
C VAL A 21 5.54 0.95 16.48
N LEU A 22 4.29 0.69 16.08
CA LEU A 22 3.89 -0.67 15.72
C LEU A 22 3.49 -0.66 14.25
N VAL A 23 3.92 -1.67 13.52
CA VAL A 23 3.59 -1.79 12.11
C VAL A 23 2.84 -3.09 11.93
N THR A 24 1.59 -3.02 11.49
CA THR A 24 0.90 -4.26 11.09
C THR A 24 1.20 -4.55 9.63
N GLY A 25 1.20 -5.83 9.27
CA GLY A 25 1.57 -6.17 7.88
C GLY A 25 3.06 -5.99 7.63
N ALA A 26 3.86 -6.08 8.68
CA ALA A 26 5.29 -5.73 8.61
C ALA A 26 6.12 -6.71 7.77
N ALA A 27 5.63 -7.91 7.51
CA ALA A 27 6.36 -8.85 6.65
C ALA A 27 6.14 -8.62 5.18
N GLY A 28 5.16 -7.80 4.82
CA GLY A 28 4.78 -7.63 3.44
C GLY A 28 5.70 -6.64 2.70
N PHE A 29 5.28 -6.31 1.48
CA PHE A 29 6.09 -5.51 0.58
C PHE A 29 6.36 -4.11 1.14
N ILE A 30 5.29 -3.34 1.37
CA ILE A 30 5.48 -1.98 1.82
C ILE A 30 5.94 -2.00 3.26
N GLY A 31 5.36 -2.90 4.04
CA GLY A 31 5.66 -2.95 5.47
C GLY A 31 7.12 -3.22 5.77
N SER A 32 7.75 -4.11 5.00
CA SER A 32 9.14 -4.43 5.30
C SER A 32 10.05 -3.24 5.01
N HIS A 33 9.75 -2.48 3.94
CA HIS A 33 10.49 -1.25 3.67
C HIS A 33 10.25 -0.23 4.76
N LEU A 34 9.03 -0.14 5.26
CA LEU A 34 8.77 0.85 6.30
C LEU A 34 9.52 0.49 7.57
N VAL A 35 9.52 -0.80 7.94
CA VAL A 35 10.26 -1.24 9.12
C VAL A 35 11.74 -0.82 9.01
N THR A 36 12.33 -1.03 7.84
CA THR A 36 13.75 -0.68 7.66
C THR A 36 13.98 0.80 7.90
N GLU A 37 13.13 1.64 7.32
CA GLU A 37 13.33 3.07 7.46
C GLU A 37 13.07 3.55 8.88
N LEU A 38 12.06 2.98 9.55
CA LEU A 38 11.78 3.35 10.94
C LEU A 38 12.99 3.04 11.82
N ARG A 39 13.55 1.85 11.68
CA ARG A 39 14.70 1.48 12.49
C ARG A 39 15.91 2.33 12.13
N ASN A 40 16.19 2.51 10.84
CA ASN A 40 17.32 3.39 10.48
C ASN A 40 17.12 4.79 11.03
N SER A 41 15.88 5.24 11.24
CA SER A 41 15.68 6.58 11.78
C SER A 41 15.84 6.64 13.31
N GLY A 42 16.05 5.51 13.97
CA GLY A 42 16.21 5.48 15.42
C GLY A 42 14.96 5.10 16.20
N ARG A 43 13.89 4.69 15.53
CA ARG A 43 12.64 4.36 16.21
C ARG A 43 12.65 2.89 16.56
N ASN A 44 12.13 2.57 17.75
CA ASN A 44 11.93 1.18 18.11
C ASN A 44 10.64 0.69 17.52
N VAL A 45 10.70 -0.47 16.88
CA VAL A 45 9.59 -0.99 16.07
C VAL A 45 9.06 -2.29 16.68
N VAL A 46 7.74 -2.39 16.78
CA VAL A 46 7.06 -3.65 17.05
C VAL A 46 6.38 -4.06 15.76
N ALA A 47 6.72 -5.24 15.24
CA ALA A 47 6.22 -5.68 13.94
C ALA A 47 5.18 -6.76 14.17
N VAL A 48 4.01 -6.63 13.52
CA VAL A 48 2.97 -7.65 13.66
C VAL A 48 2.64 -8.17 12.26
N ASP A 49 2.68 -9.49 12.09
CA ASP A 49 2.29 -10.12 10.84
C ASP A 49 2.04 -11.57 11.13
N ARG A 50 1.20 -12.20 10.33
CA ARG A 50 1.02 -13.65 10.47
C ARG A 50 2.02 -14.47 9.66
N ARG A 51 2.82 -13.82 8.83
CA ARG A 51 3.92 -14.38 8.08
C ARG A 51 5.25 -13.92 8.67
N PRO A 52 6.31 -14.70 8.47
CA PRO A 52 7.63 -14.32 9.00
C PRO A 52 8.23 -13.07 8.35
N LEU A 53 8.90 -12.28 9.17
CA LEU A 53 9.63 -11.13 8.64
C LEU A 53 10.79 -11.60 7.77
N PRO A 54 11.05 -10.93 6.63
CA PRO A 54 12.31 -11.15 5.89
C PRO A 54 13.54 -10.88 6.75
N THR A 65 19.51 1.20 14.18
CA THR A 65 19.57 1.80 15.51
C THR A 65 18.31 1.50 16.32
N GLY A 66 17.12 1.73 15.77
CA GLY A 66 15.91 1.29 16.44
C GLY A 66 15.87 -0.22 16.61
N SER A 67 15.35 -0.66 17.77
CA SER A 67 15.21 -2.08 18.02
C SER A 67 14.04 -2.64 17.20
N LEU A 68 13.98 -3.96 17.11
CA LEU A 68 12.88 -4.64 16.41
C LEU A 68 12.36 -5.75 17.29
N ARG A 69 11.05 -5.78 17.52
CA ARG A 69 10.40 -6.87 18.23
C ARG A 69 9.36 -7.46 17.29
N GLU A 70 9.53 -8.73 16.98
CA GLU A 70 8.64 -9.41 16.06
C GLU A 70 7.53 -10.09 16.85
N ILE A 71 6.28 -9.75 16.56
CA ILE A 71 5.13 -10.47 17.07
C ILE A 71 4.48 -11.24 15.92
N ARG A 72 4.44 -12.54 16.02
CA ARG A 72 3.89 -13.40 14.99
C ARG A 72 2.47 -13.73 15.36
N GLY A 73 1.53 -13.29 14.53
CA GLY A 73 0.15 -13.66 14.81
C GLY A 73 -0.80 -12.98 13.89
N ASP A 74 -2.06 -13.43 13.95
CA ASP A 74 -3.17 -12.83 13.20
C ASP A 74 -3.81 -11.71 14.01
N LEU A 75 -4.09 -10.56 13.35
CA LEU A 75 -4.73 -9.45 14.05
C LEU A 75 -6.07 -9.85 14.65
N ASN A 76 -6.75 -10.86 14.10
CA ASN A 76 -8.05 -11.32 14.58
C ASN A 76 -7.93 -12.34 15.71
N SER A 77 -6.71 -12.66 16.12
CA SER A 77 -6.47 -13.60 17.25
C SER A 77 -5.61 -13.03 18.36
N LEU A 78 -4.65 -12.17 18.06
CA LEU A 78 -3.75 -11.61 19.05
C LEU A 78 -4.51 -10.74 20.05
N ASN A 79 -3.96 -10.65 21.26
CA ASN A 79 -4.40 -9.64 22.22
C ASN A 79 -3.84 -8.30 21.74
N LEU A 80 -4.64 -7.53 21.02
CA LEU A 80 -4.09 -6.33 20.41
C LEU A 80 -3.72 -5.26 21.43
N VAL A 81 -4.47 -5.12 22.52
CA VAL A 81 -4.06 -4.14 23.52
C VAL A 81 -2.70 -4.50 24.10
N ASP A 82 -2.43 -5.80 24.32
CA ASP A 82 -1.09 -6.19 24.79
C ASP A 82 0.00 -5.81 23.77
N CYS A 83 -0.28 -6.01 22.48
CA CYS A 83 0.69 -5.65 21.43
C CYS A 83 0.96 -4.17 21.40
N LEU A 84 -0.01 -3.37 21.83
CA LEU A 84 0.07 -1.90 21.77
C LEU A 84 0.63 -1.28 23.04
N LYS A 85 1.15 -2.09 23.97
CA LYS A 85 1.82 -1.52 25.15
C LYS A 85 2.95 -0.56 24.77
N ASN A 86 2.87 0.67 25.30
CA ASN A 86 3.84 1.76 25.10
C ASN A 86 3.96 2.17 23.62
N ILE A 87 2.92 1.94 22.83
CA ILE A 87 2.94 2.30 21.41
C ILE A 87 2.22 3.63 21.22
N SER A 88 2.91 4.61 20.63
CA SER A 88 2.29 5.90 20.39
C SER A 88 1.82 6.08 18.95
N THR A 89 2.37 5.31 17.99
CA THR A 89 2.06 5.46 16.58
C THR A 89 1.89 4.05 15.99
N VAL A 90 0.77 3.83 15.30
CA VAL A 90 0.55 2.57 14.59
C VAL A 90 0.51 2.85 13.10
N PHE A 91 1.18 2.00 12.33
CA PHE A 91 1.07 1.99 10.86
C PHE A 91 0.28 0.74 10.50
N HIS A 92 -0.96 0.89 10.00
CA HIS A 92 -1.80 -0.29 9.73
C HIS A 92 -1.70 -0.62 8.24
N LEU A 93 -0.82 -1.57 7.92
CA LEU A 93 -0.63 -1.99 6.52
C LEU A 93 -1.19 -3.38 6.23
N ALA A 94 -1.52 -4.15 7.26
CA ALA A 94 -1.98 -5.51 7.02
C ALA A 94 -3.29 -5.52 6.26
N ALA A 95 -3.43 -6.42 5.29
CA ALA A 95 -4.64 -6.54 4.50
C ALA A 95 -4.39 -7.67 3.51
N LEU A 96 -5.48 -8.11 2.86
CA LEU A 96 -5.39 -8.89 1.62
C LEU A 96 -5.49 -7.86 0.51
N PRO A 97 -4.44 -7.66 -0.31
CA PRO A 97 -4.36 -6.46 -1.15
C PRO A 97 -4.74 -6.64 -2.62
N GLY A 98 -5.02 -7.87 -3.06
CA GLY A 98 -5.29 -8.07 -4.49
C GLY A 98 -6.69 -7.66 -4.90
N VAL A 99 -6.78 -6.89 -5.98
CA VAL A 99 -8.08 -6.50 -6.52
C VAL A 99 -8.89 -7.72 -6.98
N ARG A 100 -8.28 -8.57 -7.80
CA ARG A 100 -9.08 -9.51 -8.57
C ARG A 100 -9.63 -10.69 -7.76
N PRO A 101 -8.89 -11.26 -6.80
CA PRO A 101 -9.47 -12.34 -5.99
C PRO A 101 -10.61 -11.88 -5.10
N SER A 102 -10.82 -10.58 -4.93
CA SER A 102 -11.78 -10.16 -3.92
C SER A 102 -13.20 -10.55 -4.28
N TRP A 103 -13.52 -10.78 -5.57
CA TRP A 103 -14.88 -11.20 -5.92
C TRP A 103 -15.18 -12.60 -5.38
N THR A 104 -14.20 -13.49 -5.34
CA THR A 104 -14.47 -14.87 -5.00
C THR A 104 -13.92 -15.28 -3.63
N GLN A 105 -13.34 -14.35 -2.87
CA GLN A 105 -12.79 -14.60 -1.55
C GLN A 105 -13.30 -13.56 -0.56
N PHE A 106 -14.55 -13.15 -0.76
CA PHE A 106 -15.02 -11.96 -0.02
C PHE A 106 -15.07 -12.16 1.49
N PRO A 107 -15.49 -13.31 2.04
CA PRO A 107 -15.39 -13.47 3.51
C PRO A 107 -14.00 -13.17 4.06
N GLU A 108 -12.95 -13.71 3.43
CA GLU A 108 -11.61 -13.46 3.93
C GLU A 108 -11.21 -11.99 3.75
N TYR A 109 -11.61 -11.37 2.64
CA TYR A 109 -11.30 -9.95 2.50
C TYR A 109 -12.01 -9.13 3.59
N LEU A 110 -13.26 -9.48 3.90
CA LEU A 110 -13.93 -8.74 4.97
C LEU A 110 -13.23 -8.96 6.30
N ARG A 111 -12.84 -10.21 6.57
CA ARG A 111 -12.22 -10.52 7.84
C ARG A 111 -10.87 -9.80 8.01
N CYS A 112 -10.02 -9.84 6.98
CA CYS A 112 -8.69 -9.28 7.08
C CYS A 112 -8.68 -7.76 6.91
N ASN A 113 -9.57 -7.24 6.06
CA ASN A 113 -9.46 -5.84 5.70
C ASN A 113 -10.39 -4.96 6.52
N VAL A 114 -11.51 -5.50 7.01
CA VAL A 114 -12.50 -4.68 7.71
C VAL A 114 -12.62 -5.07 9.18
N LEU A 115 -12.84 -6.37 9.45
CA LEU A 115 -12.94 -6.78 10.86
C LEU A 115 -11.65 -6.54 11.61
N ALA A 116 -10.52 -6.94 11.03
CA ALA A 116 -9.25 -6.70 11.70
C ALA A 116 -8.99 -5.23 11.94
N THR A 117 -9.38 -4.38 10.98
CA THR A 117 -9.24 -2.93 11.18
C THR A 117 -10.07 -2.45 12.36
N GLN A 118 -11.32 -2.87 12.43
CA GLN A 118 -12.18 -2.47 13.54
C GLN A 118 -11.61 -2.90 14.89
N ARG A 119 -11.11 -4.13 14.96
CA ARG A 119 -10.51 -4.59 16.20
C ARG A 119 -9.27 -3.80 16.56
N LEU A 120 -8.45 -3.50 15.56
CA LEU A 120 -7.25 -2.73 15.83
C LEU A 120 -7.59 -1.33 16.32
N MET A 121 -8.59 -0.70 15.71
CA MET A 121 -8.87 0.67 16.12
C MET A 121 -9.46 0.69 17.51
N GLU A 122 -10.31 -0.29 17.85
CA GLU A 122 -10.83 -0.30 19.24
C GLU A 122 -9.68 -0.44 20.23
N ALA A 123 -8.75 -1.36 19.94
CA ALA A 123 -7.58 -1.55 20.81
C ALA A 123 -6.71 -0.29 20.87
N CYS A 124 -6.63 0.46 19.76
CA CYS A 124 -5.91 1.73 19.80
C CYS A 124 -6.56 2.72 20.75
N VAL A 125 -7.89 2.81 20.75
CA VAL A 125 -8.60 3.67 21.71
C VAL A 125 -8.29 3.22 23.13
N GLN A 126 -8.39 1.91 23.37
CA GLN A 126 -8.19 1.37 24.72
C GLN A 126 -6.76 1.51 25.20
N ALA A 127 -5.79 1.40 24.30
CA ALA A 127 -4.39 1.50 24.67
C ALA A 127 -3.86 2.93 24.67
N GLY A 128 -4.65 3.93 24.24
CA GLY A 128 -4.21 5.32 24.21
C GLY A 128 -3.17 5.64 23.15
N VAL A 129 -3.18 4.87 22.06
CA VAL A 129 -2.36 5.23 20.90
C VAL A 129 -2.70 6.65 20.45
N GLU A 130 -1.68 7.43 20.05
CA GLU A 130 -1.94 8.80 19.64
C GLU A 130 -2.32 8.94 18.16
N ARG A 131 -1.71 8.16 17.29
CA ARG A 131 -1.89 8.41 15.87
C ARG A 131 -1.85 7.07 15.14
N VAL A 132 -2.76 6.91 14.19
CA VAL A 132 -2.79 5.70 13.38
C VAL A 132 -2.70 6.15 11.93
N VAL A 133 -1.72 5.61 11.21
CA VAL A 133 -1.55 5.85 9.78
C VAL A 133 -2.06 4.59 9.09
N VAL A 134 -3.12 4.74 8.29
CA VAL A 134 -3.84 3.59 7.72
C VAL A 134 -3.52 3.52 6.22
N ALA A 135 -3.16 2.34 5.73
CA ALA A 135 -3.01 2.19 4.28
C ALA A 135 -4.40 2.02 3.68
N SER A 136 -4.83 2.99 2.89
CA SER A 136 -6.00 2.87 2.07
C SER A 136 -5.52 2.66 0.63
N SER A 137 -6.36 3.02 -0.35
CA SER A 137 -6.00 2.68 -1.73
C SER A 137 -6.71 3.62 -2.70
N SER A 138 -6.03 3.91 -3.82
CA SER A 138 -6.72 4.52 -4.93
C SER A 138 -7.93 3.71 -5.43
N SER A 139 -8.04 2.43 -5.06
CA SER A 139 -9.15 1.61 -5.46
C SER A 139 -10.47 2.17 -4.98
N VAL A 140 -10.46 3.07 -3.99
CA VAL A 140 -11.74 3.62 -3.54
C VAL A 140 -12.36 4.50 -4.60
N TYR A 141 -11.57 5.01 -5.55
CA TYR A 141 -12.12 5.90 -6.58
C TYR A 141 -12.86 5.15 -7.67
N GLY A 142 -12.51 3.91 -7.92
CA GLY A 142 -13.16 3.18 -8.98
C GLY A 142 -12.71 3.76 -10.31
N GLY A 143 -13.64 3.77 -11.27
CA GLY A 143 -13.30 4.11 -12.62
C GLY A 143 -13.46 5.60 -12.84
N ALA A 144 -12.40 6.23 -13.32
CA ALA A 144 -12.42 7.67 -13.59
C ALA A 144 -11.27 7.99 -14.54
N ASP A 145 -11.55 8.87 -15.49
CA ASP A 145 -10.53 9.36 -16.40
C ASP A 145 -9.85 10.56 -15.75
N GLY A 146 -8.55 10.66 -15.95
CA GLY A 146 -7.86 11.83 -15.44
C GLY A 146 -7.67 11.77 -13.94
N VAL A 147 -7.60 12.94 -13.33
CA VAL A 147 -7.02 13.05 -12.00
C VAL A 147 -8.06 12.65 -10.96
N MET A 148 -7.65 11.82 -10.01
CA MET A 148 -8.50 11.36 -8.90
C MET A 148 -8.15 12.17 -7.67
N SER A 149 -9.11 12.96 -7.18
CA SER A 149 -8.89 13.89 -6.09
C SER A 149 -9.60 13.41 -4.84
N GLU A 150 -9.06 13.82 -3.70
CA GLU A 150 -9.63 13.39 -2.43
C GLU A 150 -11.00 14.02 -2.19
N ASP A 151 -11.41 15.02 -2.97
CA ASP A 151 -12.80 15.46 -2.83
C ASP A 151 -13.76 14.73 -3.76
N ASP A 152 -13.32 13.71 -4.52
CA ASP A 152 -14.24 12.99 -5.40
C ASP A 152 -14.99 11.94 -4.62
N LEU A 153 -16.27 11.73 -4.95
CA LEU A 153 -17.01 10.69 -4.21
C LEU A 153 -16.42 9.31 -4.48
N PRO A 154 -16.07 8.54 -3.45
CA PRO A 154 -15.63 7.14 -3.70
C PRO A 154 -16.70 6.30 -4.38
N ARG A 155 -16.25 5.47 -5.33
CA ARG A 155 -17.14 4.61 -6.09
C ARG A 155 -16.33 3.41 -6.51
N PRO A 156 -15.89 2.57 -5.55
CA PRO A 156 -15.06 1.40 -5.90
C PRO A 156 -15.75 0.47 -6.86
N LEU A 157 -14.94 -0.13 -7.74
CA LEU A 157 -15.42 -1.03 -8.78
C LEU A 157 -15.21 -2.51 -8.39
N SER A 158 -14.52 -2.77 -7.28
CA SER A 158 -14.26 -4.14 -6.85
C SER A 158 -14.65 -4.29 -5.39
N PRO A 159 -14.92 -5.50 -4.94
CA PRO A 159 -15.13 -5.69 -3.48
C PRO A 159 -13.90 -5.35 -2.68
N TYR A 160 -12.69 -5.54 -3.21
CA TYR A 160 -11.49 -5.09 -2.52
C TYR A 160 -11.55 -3.60 -2.23
N GLY A 161 -11.84 -2.79 -3.26
CA GLY A 161 -11.95 -1.36 -3.05
C GLY A 161 -13.00 -1.02 -1.99
N VAL A 162 -14.14 -1.75 -1.99
CA VAL A 162 -15.12 -1.54 -0.91
C VAL A 162 -14.50 -1.80 0.45
N THR A 163 -13.72 -2.88 0.59
CA THR A 163 -13.13 -3.14 1.90
C THR A 163 -12.11 -2.08 2.32
N LYS A 164 -11.36 -1.50 1.36
CA LYS A 164 -10.39 -0.47 1.75
C LYS A 164 -11.12 0.81 2.14
N LEU A 165 -12.19 1.15 1.40
CA LEU A 165 -13.02 2.30 1.80
C LEU A 165 -13.61 2.08 3.19
N ALA A 166 -14.08 0.87 3.47
CA ALA A 166 -14.65 0.58 4.81
C ALA A 166 -13.59 0.70 5.90
N ALA A 167 -12.37 0.21 5.63
CA ALA A 167 -11.30 0.31 6.61
C ALA A 167 -10.96 1.76 6.90
N GLU A 168 -10.84 2.57 5.85
CA GLU A 168 -10.49 3.97 6.09
C GLU A 168 -11.63 4.72 6.74
N ARG A 169 -12.86 4.49 6.34
CA ARG A 169 -13.96 5.16 7.06
C ARG A 169 -14.06 4.69 8.52
N LEU A 170 -13.85 3.40 8.79
CA LEU A 170 -13.83 2.94 10.17
C LEU A 170 -12.80 3.70 10.98
N ALA A 171 -11.58 3.81 10.45
CA ALA A 171 -10.51 4.49 11.15
C ALA A 171 -10.91 5.91 11.50
N LEU A 172 -11.51 6.62 10.54
CA LEU A 172 -11.95 7.99 10.80
C LEU A 172 -13.07 8.03 11.84
N ALA A 173 -13.98 7.03 11.83
CA ALA A 173 -15.05 7.04 12.83
C ALA A 173 -14.49 6.86 14.22
N PHE A 174 -13.47 6.00 14.39
CA PHE A 174 -12.86 5.87 15.70
C PHE A 174 -12.14 7.15 16.13
N ALA A 175 -11.46 7.82 15.20
CA ALA A 175 -10.79 9.06 15.55
C ALA A 175 -11.77 10.16 15.96
N ALA A 176 -13.00 10.13 15.43
CA ALA A 176 -14.03 11.11 15.80
C ALA A 176 -14.76 10.83 17.11
N ARG A 177 -14.54 9.69 17.73
CA ARG A 177 -15.17 9.40 19.02
C ARG A 177 -14.78 10.45 20.07
N GLY A 178 -15.76 10.89 20.86
CA GLY A 178 -15.44 11.85 21.91
C GLY A 178 -14.48 11.37 22.97
N ASP A 179 -14.32 10.05 23.14
CA ASP A 179 -13.48 9.50 24.19
C ASP A 179 -12.08 9.16 23.74
N ALA A 180 -11.75 9.52 22.51
CA ALA A 180 -10.48 9.11 21.91
C ALA A 180 -9.66 10.36 21.74
N GLU A 181 -8.38 10.28 22.10
CA GLU A 181 -7.40 11.30 21.74
C GLU A 181 -6.54 10.64 20.69
N LEU A 182 -7.08 10.56 19.48
CA LEU A 182 -6.55 9.69 18.44
C LEU A 182 -6.70 10.43 17.13
N SER A 183 -5.63 10.55 16.32
CA SER A 183 -5.79 11.05 14.96
C SER A 183 -5.46 9.95 13.97
N VAL A 184 -5.96 10.12 12.74
CA VAL A 184 -5.76 9.12 11.70
C VAL A 184 -5.24 9.82 10.45
N GLY A 185 -4.16 9.29 9.86
CA GLY A 185 -3.79 9.70 8.51
C GLY A 185 -4.08 8.55 7.58
N ALA A 186 -5.07 8.69 6.71
CA ALA A 186 -5.43 7.60 5.79
C ALA A 186 -4.80 7.92 4.43
N LEU A 187 -3.95 7.01 3.93
CA LEU A 187 -3.14 7.24 2.73
C LEU A 187 -3.67 6.36 1.61
N ARG A 188 -4.14 7.00 0.53
CA ARG A 188 -4.64 6.27 -0.63
C ARG A 188 -3.47 6.06 -1.57
N PHE A 189 -2.81 4.89 -1.47
CA PHE A 189 -1.65 4.59 -2.31
C PHE A 189 -2.08 4.28 -3.75
N PHE A 190 -1.22 4.65 -4.69
CA PHE A 190 -1.39 4.35 -6.11
C PHE A 190 -0.32 3.34 -6.55
N THR A 191 -0.79 2.17 -6.99
CA THR A 191 -0.04 0.99 -7.48
C THR A 191 1.48 1.08 -7.21
N VAL A 192 1.89 0.49 -6.07
CA VAL A 192 3.26 0.66 -5.57
C VAL A 192 4.12 -0.46 -6.17
N TYR A 193 5.37 -0.12 -6.52
CA TYR A 193 6.30 -1.07 -7.12
C TYR A 193 7.70 -0.79 -6.55
N GLY A 194 8.64 -1.61 -6.96
CA GLY A 194 10.03 -1.46 -6.59
C GLY A 194 10.58 -2.79 -6.05
N PRO A 195 11.82 -2.73 -5.53
CA PRO A 195 12.42 -3.90 -4.85
C PRO A 195 11.44 -4.51 -3.87
N GLY A 196 11.27 -5.83 -3.96
CA GLY A 196 10.41 -6.55 -3.02
C GLY A 196 8.95 -6.56 -3.40
N GLN A 197 8.58 -6.00 -4.56
CA GLN A 197 7.16 -5.95 -4.90
C GLN A 197 6.51 -7.33 -4.79
N ARG A 198 5.27 -7.35 -4.27
CA ARG A 198 4.53 -8.61 -4.19
C ARG A 198 4.50 -9.32 -5.54
N PRO A 199 4.69 -10.63 -5.56
CA PRO A 199 4.79 -11.35 -6.84
C PRO A 199 3.49 -11.46 -7.62
N ASP A 200 2.31 -11.11 -7.04
CA ASP A 200 1.09 -11.14 -7.84
C ASP A 200 0.92 -9.87 -8.67
N MET A 201 1.77 -8.86 -8.46
CA MET A 201 1.57 -7.59 -9.14
C MET A 201 2.17 -7.64 -10.56
N PHE A 202 1.71 -6.71 -11.40
CA PHE A 202 2.07 -6.75 -12.81
C PHE A 202 3.57 -6.61 -13.04
N ILE A 203 4.20 -5.58 -12.46
CA ILE A 203 5.60 -5.35 -12.80
C ILE A 203 6.47 -6.52 -12.33
N SER A 204 6.15 -7.12 -11.18
CA SER A 204 6.89 -8.29 -10.72
C SER A 204 6.72 -9.45 -11.69
N ARG A 205 5.47 -9.69 -12.13
CA ARG A 205 5.23 -10.78 -13.06
C ARG A 205 5.92 -10.52 -14.40
N LEU A 206 5.88 -9.26 -14.85
CA LEU A 206 6.52 -8.93 -16.13
C LEU A 206 8.03 -9.13 -16.07
N ILE A 207 8.64 -8.73 -14.97
CA ILE A 207 10.09 -8.92 -14.83
C ILE A 207 10.45 -10.42 -14.83
N ARG A 208 9.63 -11.28 -14.19
CA ARG A 208 9.89 -12.71 -14.30
C ARG A 208 9.63 -13.20 -15.71
N ALA A 209 8.72 -12.55 -16.44
CA ALA A 209 8.47 -12.94 -17.83
C ALA A 209 9.64 -12.56 -18.73
N THR A 210 10.48 -11.67 -18.25
CA THR A 210 11.58 -11.10 -19.02
C THR A 210 12.88 -11.78 -18.64
N LEU A 211 13.22 -11.74 -17.34
CA LEU A 211 14.49 -12.31 -16.88
C LEU A 211 14.48 -13.84 -16.89
N ARG A 212 13.32 -14.45 -16.65
CA ARG A 212 13.22 -15.89 -16.48
C ARG A 212 12.31 -16.56 -17.51
N GLY A 213 11.66 -15.78 -18.40
CA GLY A 213 10.79 -16.34 -19.44
C GLY A 213 9.52 -17.00 -18.94
N GLU A 214 9.08 -16.66 -17.72
CA GLU A 214 7.81 -17.20 -17.20
C GLU A 214 6.66 -16.34 -17.69
N PRO A 215 5.77 -16.86 -18.55
CA PRO A 215 4.86 -15.97 -19.30
C PRO A 215 3.96 -15.21 -18.34
N VAL A 216 3.69 -13.96 -18.71
CA VAL A 216 2.71 -13.13 -18.00
C VAL A 216 1.52 -12.95 -18.94
N GLU A 217 0.31 -13.03 -18.41
CA GLU A 217 -0.84 -12.73 -19.22
C GLU A 217 -1.16 -11.25 -19.06
N ILE A 218 -1.46 -10.57 -20.17
CA ILE A 218 -1.94 -9.20 -20.12
C ILE A 218 -3.48 -9.25 -20.09
N TYR A 219 -4.07 -8.63 -19.07
CA TYR A 219 -5.52 -8.70 -18.84
C TYR A 219 -6.22 -7.58 -19.60
N GLY A 220 -6.56 -7.85 -20.86
CA GLY A 220 -7.10 -6.86 -21.76
C GLY A 220 -6.07 -6.52 -22.83
N ASP A 221 -6.22 -5.33 -23.43
CA ASP A 221 -5.35 -4.99 -24.55
C ASP A 221 -4.09 -4.24 -24.16
N GLY A 222 -3.81 -4.11 -22.85
CA GLY A 222 -2.62 -3.40 -22.43
C GLY A 222 -2.70 -1.89 -22.49
N THR A 223 -3.83 -1.32 -22.95
CA THR A 223 -3.91 0.15 -22.99
C THR A 223 -4.33 0.76 -21.66
N GLN A 224 -4.71 -0.07 -20.68
CA GLN A 224 -5.00 0.44 -19.34
C GLN A 224 -3.78 1.16 -18.77
N LEU A 225 -4.05 2.16 -17.93
CA LEU A 225 -2.99 3.01 -17.39
C LEU A 225 -2.96 2.91 -15.87
N ARG A 226 -1.76 3.03 -15.31
CA ARG A 226 -1.64 3.15 -13.86
C ARG A 226 -0.67 4.25 -13.50
N ASP A 227 -0.98 4.91 -12.36
CA ASP A 227 -0.03 5.81 -11.68
C ASP A 227 0.82 4.91 -10.80
N PHE A 228 2.02 4.56 -11.28
CA PHE A 228 2.90 3.64 -10.55
C PHE A 228 3.82 4.44 -9.64
N THR A 229 3.79 4.13 -8.35
CA THR A 229 4.52 4.90 -7.33
C THR A 229 5.59 4.02 -6.72
N HIS A 230 6.81 4.53 -6.68
CA HIS A 230 7.92 3.73 -6.14
C HIS A 230 7.79 3.60 -4.62
N VAL A 231 8.11 2.41 -4.11
CA VAL A 231 7.96 2.16 -2.67
C VAL A 231 8.81 3.10 -1.81
N SER A 232 9.97 3.56 -2.31
CA SER A 232 10.75 4.48 -1.48
C SER A 232 9.97 5.76 -1.21
N ASP A 233 9.23 6.24 -2.20
CA ASP A 233 8.43 7.44 -2.02
C ASP A 233 7.29 7.16 -1.05
N VAL A 234 6.67 5.98 -1.16
CA VAL A 234 5.56 5.64 -0.26
C VAL A 234 6.03 5.60 1.17
N VAL A 235 7.21 5.02 1.41
CA VAL A 235 7.75 4.97 2.77
C VAL A 235 8.03 6.40 3.30
N ARG A 236 8.58 7.29 2.47
CA ARG A 236 8.77 8.67 2.91
C ARG A 236 7.43 9.31 3.28
N ALA A 237 6.38 9.06 2.48
CA ALA A 237 5.06 9.62 2.78
C ALA A 237 4.52 9.06 4.07
N LEU A 238 4.75 7.77 4.32
CA LEU A 238 4.27 7.16 5.56
C LEU A 238 4.91 7.82 6.78
N MET A 239 6.22 8.05 6.69
CA MET A 239 6.96 8.66 7.81
C MET A 239 6.49 10.10 8.02
N LEU A 240 6.31 10.84 6.93
CA LEU A 240 5.86 12.22 7.04
C LEU A 240 4.48 12.27 7.68
N THR A 241 3.61 11.32 7.30
CA THR A 241 2.23 11.33 7.79
C THR A 241 2.21 11.09 9.29
N ALA A 242 3.07 10.19 9.77
CA ALA A 242 3.10 9.93 11.21
C ALA A 242 3.58 11.15 11.98
N SER A 243 4.39 12.01 11.36
CA SER A 243 4.95 13.12 12.10
C SER A 243 3.99 14.29 12.19
N VAL A 244 2.84 14.25 11.51
CA VAL A 244 1.86 15.34 11.60
C VAL A 244 0.89 14.95 12.71
N ARG A 245 1.07 15.54 13.89
CA ARG A 245 0.37 15.03 15.06
C ARG A 245 -0.59 16.01 15.68
N ASP A 246 -0.53 17.28 15.31
CA ASP A 246 -1.39 18.25 15.97
C ASP A 246 -2.39 18.88 15.01
N ARG A 247 -2.71 18.18 13.92
CA ARG A 247 -3.61 18.71 12.89
C ARG A 247 -4.78 17.78 12.61
N GLY A 248 -5.12 16.93 13.58
CA GLY A 248 -6.31 16.09 13.37
C GLY A 248 -6.04 15.06 12.28
N SER A 249 -7.12 14.61 11.68
CA SER A 249 -7.07 13.49 10.73
C SER A 249 -7.04 14.01 9.29
N ALA A 250 -6.57 13.14 8.38
CA ALA A 250 -6.41 13.56 7.01
C ALA A 250 -6.54 12.35 6.09
N VAL A 251 -6.99 12.62 4.88
CA VAL A 251 -7.15 11.60 3.85
C VAL A 251 -6.34 12.11 2.66
N LEU A 252 -5.31 11.36 2.24
CA LEU A 252 -4.34 11.88 1.25
C LEU A 252 -3.99 10.85 0.19
N ASN A 253 -4.02 11.27 -1.07
CA ASN A 253 -3.45 10.43 -2.13
C ASN A 253 -1.93 10.38 -2.02
N ILE A 254 -1.35 9.20 -2.27
CA ILE A 254 0.11 9.05 -2.38
C ILE A 254 0.40 8.47 -3.76
N GLY A 255 0.84 9.32 -4.69
CA GLY A 255 1.09 8.85 -6.04
C GLY A 255 2.01 9.85 -6.73
N THR A 256 2.18 9.65 -8.04
CA THR A 256 3.11 10.50 -8.79
C THR A 256 2.39 11.51 -9.66
N GLY A 257 1.13 11.26 -9.99
CA GLY A 257 0.39 12.08 -10.92
C GLY A 257 0.68 11.82 -12.39
N SER A 258 1.51 10.83 -12.70
CA SER A 258 1.86 10.44 -14.05
C SER A 258 1.37 9.02 -14.27
N ALA A 259 0.55 8.83 -15.29
CA ALA A 259 0.09 7.48 -15.61
C ALA A 259 0.82 6.90 -16.84
N VAL A 260 1.06 5.60 -16.78
CA VAL A 260 1.77 4.87 -17.84
C VAL A 260 0.97 3.63 -18.18
N SER A 261 0.92 3.29 -19.47
CA SER A 261 0.12 2.12 -19.82
C SER A 261 0.88 0.81 -19.61
N VAL A 262 0.12 -0.28 -19.49
CA VAL A 262 0.71 -1.60 -19.34
C VAL A 262 1.62 -1.89 -20.53
N ASN A 263 1.13 -1.62 -21.74
CA ASN A 263 1.96 -1.86 -22.94
C ASN A 263 3.25 -1.07 -22.89
N GLU A 264 3.20 0.19 -22.38
CA GLU A 264 4.43 0.98 -22.33
C GLU A 264 5.41 0.39 -21.32
N VAL A 265 4.90 -0.18 -20.21
CA VAL A 265 5.80 -0.80 -19.23
C VAL A 265 6.48 -2.02 -19.86
N VAL A 266 5.76 -2.75 -20.68
CA VAL A 266 6.34 -3.91 -21.38
C VAL A 266 7.47 -3.45 -22.28
N SER A 267 7.20 -2.40 -23.08
CA SER A 267 8.24 -1.92 -23.99
C SER A 267 9.46 -1.37 -23.23
N MET A 268 9.24 -0.65 -22.12
CA MET A 268 10.38 -0.17 -21.33
C MET A 268 11.22 -1.32 -20.77
N THR A 269 10.55 -2.40 -20.30
CA THR A 269 11.27 -3.54 -19.71
C THR A 269 12.09 -4.26 -20.78
N ALA A 270 11.52 -4.42 -21.96
CA ALA A 270 12.28 -4.97 -23.09
C ALA A 270 13.52 -4.13 -23.38
N GLU A 271 13.35 -2.80 -23.45
CA GLU A 271 14.46 -1.91 -23.75
C GLU A 271 15.55 -1.99 -22.70
N LEU A 272 15.16 -2.03 -21.42
CA LEU A 272 16.16 -1.99 -20.36
C LEU A 272 17.00 -3.26 -20.33
N THR A 273 16.41 -4.39 -20.71
CA THR A 273 17.01 -5.70 -20.48
C THR A 273 17.58 -6.34 -21.73
N GLY A 274 17.15 -5.91 -22.93
CA GLY A 274 17.55 -6.65 -24.12
C GLY A 274 17.07 -8.10 -24.16
N LEU A 275 15.92 -8.38 -23.51
CA LEU A 275 15.27 -9.69 -23.49
C LEU A 275 13.80 -9.44 -23.81
N ARG A 276 13.20 -10.29 -24.63
CA ARG A 276 11.81 -10.07 -25.01
C ARG A 276 10.87 -10.58 -23.92
N PRO A 277 10.05 -9.72 -23.31
CA PRO A 277 9.09 -10.22 -22.32
C PRO A 277 8.15 -11.25 -22.93
N CYS A 278 7.99 -12.36 -22.22
CA CYS A 278 7.08 -13.45 -22.63
C CYS A 278 5.65 -13.09 -22.23
N THR A 279 4.91 -12.49 -23.15
CA THR A 279 3.57 -12.02 -22.87
C THR A 279 2.54 -12.80 -23.68
N ALA A 280 1.32 -12.80 -23.17
CA ALA A 280 0.17 -13.33 -23.90
C ALA A 280 -1.02 -12.45 -23.56
N TYR A 281 -1.69 -11.90 -24.57
CA TYR A 281 -2.83 -11.04 -24.31
C TYR A 281 -4.09 -11.86 -24.08
N GLY A 282 -4.83 -11.52 -23.01
CA GLY A 282 -6.09 -12.17 -22.73
C GLY A 282 -7.18 -11.18 -22.37
N SER A 283 -8.21 -11.64 -21.68
CA SER A 283 -9.41 -10.83 -21.49
C SER A 283 -9.25 -9.93 -20.28
N ALA A 284 -9.81 -8.72 -20.37
CA ALA A 284 -9.88 -7.84 -19.21
C ALA A 284 -10.59 -8.54 -18.07
N ARG A 285 -10.15 -8.23 -16.84
CA ARG A 285 -10.76 -8.79 -15.64
C ARG A 285 -11.71 -7.77 -15.06
N ILE A 286 -12.95 -8.19 -14.82
CA ILE A 286 -13.94 -7.32 -14.18
C ILE A 286 -13.43 -6.90 -12.81
N GLY A 287 -13.56 -5.60 -12.51
CA GLY A 287 -13.07 -5.01 -11.28
C GLY A 287 -11.82 -4.19 -11.49
N ASP A 288 -11.08 -4.44 -12.57
CA ASP A 288 -9.89 -3.64 -12.85
C ASP A 288 -10.30 -2.29 -13.41
N VAL A 289 -9.86 -1.19 -12.79
CA VAL A 289 -10.18 0.11 -13.37
C VAL A 289 -9.32 0.35 -14.60
N ARG A 290 -9.83 1.18 -15.51
CA ARG A 290 -9.09 1.41 -16.76
C ARG A 290 -7.90 2.32 -16.60
N SER A 291 -7.92 3.25 -15.65
CA SER A 291 -6.83 4.20 -15.57
C SER A 291 -6.82 4.72 -14.14
N THR A 292 -5.64 4.98 -13.60
CA THR A 292 -5.53 5.74 -12.35
C THR A 292 -4.56 6.88 -12.57
N THR A 293 -4.85 8.04 -11.97
CA THR A 293 -3.89 9.16 -11.90
C THR A 293 -4.15 9.91 -10.62
N ALA A 294 -3.14 10.03 -9.74
CA ALA A 294 -3.33 10.70 -8.44
C ALA A 294 -3.33 12.22 -8.62
N ASP A 295 -4.30 12.89 -8.00
CA ASP A 295 -4.11 14.31 -7.68
C ASP A 295 -3.11 14.38 -6.55
N VAL A 296 -1.91 14.95 -6.80
CA VAL A 296 -0.83 14.94 -5.82
C VAL A 296 -0.83 16.18 -4.94
N ARG A 297 -1.81 17.07 -5.10
CA ARG A 297 -1.71 18.36 -4.45
C ARG A 297 -1.86 18.30 -2.94
N GLN A 298 -2.88 17.59 -2.43
CA GLN A 298 -3.12 17.68 -0.98
C GLN A 298 -1.97 17.07 -0.18
N ALA A 299 -1.37 15.97 -0.66
CA ALA A 299 -0.24 15.44 0.11
C ALA A 299 0.95 16.40 0.09
N GLN A 300 1.09 17.15 -1.00
CA GLN A 300 2.21 18.11 -1.02
C GLN A 300 1.97 19.21 0.01
N SER A 301 0.74 19.71 0.08
CA SER A 301 0.50 20.80 1.02
C SER A 301 0.47 20.31 2.47
N VAL A 302 -0.10 19.13 2.73
CA VAL A 302 -0.22 18.69 4.13
C VAL A 302 1.08 18.10 4.66
N LEU A 303 1.78 17.33 3.83
CA LEU A 303 2.97 16.60 4.24
C LEU A 303 4.28 17.18 3.73
N GLY A 304 4.22 18.06 2.74
CA GLY A 304 5.44 18.38 2.03
C GLY A 304 5.93 17.25 1.17
N PHE A 305 5.03 16.33 0.82
CA PHE A 305 5.39 15.14 0.03
C PHE A 305 5.18 15.36 -1.46
N THR A 306 6.25 15.17 -2.24
CA THR A 306 6.21 15.04 -3.69
C THR A 306 7.04 13.82 -4.08
N ALA A 307 6.46 12.94 -4.90
CA ALA A 307 7.22 11.75 -5.32
C ALA A 307 8.45 12.17 -6.10
N ARG A 308 9.54 11.48 -5.86
CA ARG A 308 10.82 11.79 -6.49
C ARG A 308 11.20 10.81 -7.57
N THR A 309 10.64 9.61 -7.58
CA THR A 309 11.09 8.56 -8.50
C THR A 309 10.10 8.36 -9.64
N GLY A 310 10.56 8.60 -10.88
CA GLY A 310 9.74 8.26 -12.03
C GLY A 310 9.93 6.80 -12.47
N LEU A 311 8.98 6.34 -13.30
CA LEU A 311 8.89 4.92 -13.60
C LEU A 311 10.15 4.41 -14.29
N ARG A 312 10.74 5.21 -15.21
CA ARG A 312 11.89 4.71 -15.95
C ARG A 312 13.04 4.39 -15.00
N GLU A 313 13.32 5.31 -14.08
CA GLU A 313 14.31 5.04 -13.04
C GLU A 313 13.87 3.95 -12.10
N GLY A 314 12.62 4.03 -11.62
CA GLY A 314 12.19 3.04 -10.63
C GLY A 314 12.15 1.62 -11.19
N LEU A 315 11.68 1.48 -12.43
CA LEU A 315 11.64 0.16 -13.06
C LEU A 315 13.02 -0.47 -13.09
N ALA A 316 14.05 0.31 -13.44
CA ALA A 316 15.41 -0.22 -13.37
C ALA A 316 15.79 -0.71 -11.97
N THR A 317 15.40 0.03 -10.90
CA THR A 317 15.70 -0.46 -9.54
C THR A 317 15.07 -1.82 -9.29
N GLN A 318 13.83 -2.04 -9.75
CA GLN A 318 13.19 -3.32 -9.47
C GLN A 318 13.86 -4.42 -10.28
N ILE A 319 14.20 -4.14 -11.54
CA ILE A 319 14.87 -5.15 -12.39
C ILE A 319 16.20 -5.56 -11.76
N GLU A 320 17.03 -4.58 -11.39
CA GLU A 320 18.31 -4.90 -10.75
C GLU A 320 18.14 -5.68 -9.46
N TRP A 321 17.21 -5.27 -8.59
CA TRP A 321 16.98 -6.02 -7.37
C TRP A 321 16.56 -7.45 -7.69
N THR A 322 15.76 -7.64 -8.73
CA THR A 322 15.24 -8.95 -9.00
C THR A 322 16.36 -9.88 -9.50
N ARG A 323 17.26 -9.37 -10.35
CA ARG A 323 18.45 -10.14 -10.74
C ARG A 323 19.20 -10.67 -9.53
N ARG A 324 19.58 -9.75 -8.64
CA ARG A 324 20.37 -10.15 -7.49
C ARG A 324 19.59 -11.09 -6.60
N SER A 325 18.26 -10.92 -6.54
CA SER A 325 17.43 -11.77 -5.71
C SER A 325 17.36 -13.20 -6.26
N LEU A 326 17.32 -13.34 -7.58
CA LEU A 326 17.26 -14.66 -8.22
C LEU A 326 18.61 -15.37 -8.17
N SER A 327 19.71 -14.62 -8.04
CA SER A 327 21.04 -15.22 -7.91
C SER A 327 21.41 -15.41 -6.44
#